data_1OFY
#
_entry.id   1OFY
#
_cell.length_a   60.400
_cell.length_b   105.660
_cell.length_c   80.940
_cell.angle_alpha   90.00
_cell.angle_beta   103.35
_cell.angle_gamma   90.00
#
_symmetry.space_group_name_H-M   'P 1 21 1'
#
loop_
_entity.id
_entity.type
_entity.pdbx_description
1 polymer 'NINE HEME CYTOCHROME C'
2 non-polymer 'HEME C'
3 non-polymer 'ACETATE ION'
4 non-polymer GLYCEROL
5 water water
#
_entity_poly.entity_id   1
_entity_poly.type   'polypeptide(L)'
_entity_poly.pdbx_seq_one_letter_code
;AALEPTDSGAPSAIVMFPVGEKPNPKGAAMKPVVFNHLIHEKKIDNCETCHHTGDPVSCSTCHTVEGKAEGNYITLDRAM
HATNIAKRAKGNTPVSCVSCHEQQTKERRECAGCHAIVTPKRDEAWCATCHNITPSMTPEQMQKGINGTLLPGDNEALAA
ETVLAQKTVEPVSPMLAPYKVVIDALADKYEPSNFTHRRHLTSLMERIKDDKLAQAFHNKPEILCATCHHRSPLSLTPPK
CGSCHTKEIDKANPGRPNLMAAYHLQCMGCHKGMDVARPRDTDCTTCHKAAPKSAD
;
_entity_poly.pdbx_strand_id   A,B
#
# COMPACT_ATOMS: atom_id res chain seq x y z
N ALA A 1 30.96 -25.76 -1.53
CA ALA A 1 29.66 -25.81 -2.21
C ALA A 1 29.15 -24.36 -2.50
N ALA A 2 28.84 -24.22 -3.86
CA ALA A 2 28.38 -22.99 -4.63
C ALA A 2 27.05 -23.23 -5.38
N LEU A 3 26.67 -22.27 -6.24
CA LEU A 3 25.43 -22.39 -7.03
C LEU A 3 25.66 -23.30 -8.25
N GLU A 4 24.60 -23.93 -8.68
CA GLU A 4 24.65 -24.85 -9.84
C GLU A 4 24.91 -24.05 -11.11
N PRO A 5 25.89 -24.51 -11.90
CA PRO A 5 26.27 -23.83 -13.15
C PRO A 5 25.14 -23.89 -14.19
N THR A 6 25.10 -22.90 -15.07
CA THR A 6 24.17 -22.83 -16.18
C THR A 6 24.70 -23.53 -17.43
N ASP A 7 23.79 -24.00 -18.28
CA ASP A 7 24.11 -24.46 -19.61
C ASP A 7 24.52 -23.29 -20.51
N SER A 8 23.87 -22.14 -20.31
CA SER A 8 24.09 -20.96 -21.13
C SER A 8 25.45 -20.31 -20.94
N GLY A 9 26.11 -20.50 -19.81
CA GLY A 9 27.34 -19.75 -19.59
C GLY A 9 27.11 -18.44 -18.88
N ALA A 10 25.86 -17.98 -18.76
CA ALA A 10 25.63 -16.81 -17.92
C ALA A 10 25.84 -17.22 -16.46
N PRO A 11 26.08 -16.26 -15.59
CA PRO A 11 26.30 -16.66 -14.18
C PRO A 11 25.01 -17.25 -13.64
N SER A 12 25.08 -18.13 -12.67
CA SER A 12 23.88 -18.80 -12.17
C SER A 12 22.93 -17.82 -11.48
N ALA A 13 23.50 -16.92 -10.69
CA ALA A 13 22.74 -15.82 -10.09
C ALA A 13 23.56 -14.53 -10.23
N ILE A 14 22.90 -13.40 -10.42
CA ILE A 14 23.55 -12.15 -10.74
C ILE A 14 23.01 -10.95 -9.98
N VAL A 15 23.88 -10.18 -9.33
CA VAL A 15 23.42 -8.89 -8.80
C VAL A 15 23.27 -7.85 -9.89
N MET A 16 22.08 -7.25 -10.04
CA MET A 16 21.85 -6.17 -10.97
C MET A 16 21.87 -4.83 -10.24
N PHE A 17 22.62 -3.86 -10.76
CA PHE A 17 22.87 -2.60 -10.07
C PHE A 17 22.27 -1.44 -10.85
N PRO A 18 22.07 -0.30 -10.20
CA PRO A 18 21.55 0.89 -10.89
C PRO A 18 22.66 1.59 -11.68
N VAL A 19 22.94 1.03 -12.85
CA VAL A 19 23.98 1.48 -13.75
C VAL A 19 23.58 2.72 -14.53
N GLY A 20 24.37 3.78 -14.36
CA GLY A 20 24.16 5.00 -15.13
C GLY A 20 25.48 5.76 -15.27
N GLU A 21 25.50 6.88 -15.98
CA GLU A 21 26.75 7.64 -16.12
C GLU A 21 26.98 8.53 -14.89
N LYS A 22 25.90 9.15 -14.45
CA LYS A 22 25.92 10.08 -13.34
C LYS A 22 26.43 9.42 -12.06
N PRO A 23 27.38 10.10 -11.43
CA PRO A 23 27.94 9.65 -10.15
C PRO A 23 26.88 9.54 -9.05
N ASN A 24 26.96 8.46 -8.27
CA ASN A 24 26.03 8.19 -7.19
C ASN A 24 26.75 7.88 -5.87
N PRO A 25 27.55 8.83 -5.41
CA PRO A 25 28.43 8.59 -4.27
C PRO A 25 27.68 8.30 -2.98
N LYS A 26 26.44 8.77 -2.83
CA LYS A 26 25.73 8.43 -1.59
C LYS A 26 24.97 7.12 -1.74
N GLY A 27 25.05 6.49 -2.92
CA GLY A 27 24.37 5.21 -3.06
C GLY A 27 22.86 5.40 -2.94
N ALA A 28 22.38 6.50 -3.52
CA ALA A 28 20.95 6.79 -3.53
C ALA A 28 20.26 5.88 -4.55
N ALA A 29 19.63 4.82 -4.05
CA ALA A 29 19.00 3.84 -4.91
C ALA A 29 18.20 2.80 -4.14
N MET A 30 17.37 2.08 -4.88
CA MET A 30 16.76 0.87 -4.36
C MET A 30 17.82 -0.16 -4.00
N LYS A 31 17.50 -1.14 -3.16
CA LYS A 31 18.41 -2.26 -3.01
C LYS A 31 18.62 -2.89 -4.38
N PRO A 32 19.79 -3.44 -4.64
CA PRO A 32 20.06 -4.09 -5.93
C PRO A 32 19.28 -5.41 -6.03
N VAL A 33 19.14 -5.90 -7.25
CA VAL A 33 18.32 -7.05 -7.57
C VAL A 33 19.14 -8.29 -7.87
N VAL A 34 18.92 -9.37 -7.12
CA VAL A 34 19.60 -10.61 -7.50
C VAL A 34 18.70 -11.44 -8.43
N PHE A 35 19.10 -11.54 -9.69
CA PHE A 35 18.34 -12.31 -10.68
C PHE A 35 18.85 -13.73 -10.79
N ASN A 36 17.98 -14.72 -10.62
CA ASN A 36 18.39 -16.11 -10.74
C ASN A 36 18.30 -16.57 -12.20
N HIS A 37 19.41 -16.45 -12.92
CA HIS A 37 19.46 -16.77 -14.34
C HIS A 37 19.19 -18.26 -14.53
N LEU A 38 19.73 -19.06 -13.63
CA LEU A 38 19.58 -20.51 -13.73
C LEU A 38 18.11 -20.90 -13.84
N ILE A 39 17.30 -20.49 -12.85
CA ILE A 39 15.92 -20.99 -12.92
C ILE A 39 15.18 -20.37 -14.09
N HIS A 40 15.49 -19.11 -14.44
CA HIS A 40 14.74 -18.55 -15.56
C HIS A 40 15.09 -19.23 -16.88
N GLU A 41 16.37 -19.59 -17.08
CA GLU A 41 16.75 -20.13 -18.39
C GLU A 41 16.22 -21.56 -18.52
N LYS A 42 16.11 -22.25 -17.38
CA LYS A 42 15.46 -23.56 -17.47
C LYS A 42 13.99 -23.43 -17.80
N LYS A 43 13.29 -22.39 -17.33
CA LYS A 43 11.85 -22.33 -17.56
C LYS A 43 11.48 -21.71 -18.89
N ILE A 44 12.24 -20.74 -19.36
CA ILE A 44 11.92 -20.01 -20.59
C ILE A 44 12.84 -20.50 -21.71
N ASP A 45 12.24 -21.06 -22.76
N ASP A 45 12.19 -21.05 -22.73
CA ASP A 45 13.01 -21.77 -23.76
CA ASP A 45 12.81 -21.71 -23.86
C ASP A 45 13.85 -20.87 -24.66
C ASP A 45 13.81 -20.85 -24.60
N ASN A 46 13.30 -19.77 -25.16
N ASN A 46 13.30 -19.78 -25.18
CA ASN A 46 14.09 -18.95 -26.08
C ASN A 46 14.86 -17.86 -25.34
N CYS A 47 16.18 -17.88 -25.45
CA CYS A 47 17.04 -16.85 -24.90
C CYS A 47 16.53 -15.46 -25.31
N GLU A 48 16.09 -15.36 -26.56
CA GLU A 48 15.89 -14.00 -27.06
C GLU A 48 14.47 -13.51 -26.78
N THR A 49 13.70 -14.36 -26.10
CA THR A 49 12.51 -13.86 -25.42
C THR A 49 12.89 -12.65 -24.57
N CYS A 50 13.94 -12.85 -23.76
CA CYS A 50 14.41 -11.77 -22.90
C CYS A 50 15.44 -10.90 -23.61
N HIS A 51 16.47 -11.57 -24.12
CA HIS A 51 17.50 -10.84 -24.87
C HIS A 51 16.95 -10.55 -26.26
N HIS A 52 16.05 -9.57 -26.29
CA HIS A 52 15.20 -9.26 -27.42
C HIS A 52 15.97 -8.70 -28.61
N THR A 53 17.19 -8.23 -28.40
CA THR A 53 18.00 -7.76 -29.53
C THR A 53 18.94 -8.84 -30.05
N GLY A 54 18.82 -10.05 -29.54
CA GLY A 54 19.74 -11.12 -29.89
C GLY A 54 21.10 -10.92 -29.26
N ASP A 55 21.30 -9.88 -28.46
CA ASP A 55 22.62 -9.83 -27.83
C ASP A 55 22.58 -10.48 -26.46
N PRO A 56 23.37 -11.50 -26.23
CA PRO A 56 23.32 -12.16 -24.92
C PRO A 56 24.08 -11.29 -23.94
N VAL A 57 23.56 -10.11 -23.66
CA VAL A 57 24.33 -9.18 -22.85
C VAL A 57 23.45 -8.50 -21.81
N SER A 58 24.08 -7.98 -20.77
CA SER A 58 23.36 -7.28 -19.72
C SER A 58 22.44 -6.20 -20.26
N CYS A 59 21.18 -6.19 -19.84
CA CYS A 59 20.25 -5.17 -20.28
C CYS A 59 20.84 -3.78 -20.09
N SER A 60 21.53 -3.59 -18.97
CA SER A 60 21.99 -2.24 -18.63
C SER A 60 23.05 -1.75 -19.61
N THR A 61 23.58 -2.62 -20.47
CA THR A 61 24.56 -2.15 -21.44
C THR A 61 23.91 -1.12 -22.34
N CYS A 62 22.60 -1.27 -22.59
CA CYS A 62 21.88 -0.27 -23.40
C CYS A 62 20.85 0.50 -22.59
N HIS A 63 20.28 -0.13 -21.56
CA HIS A 63 19.29 0.53 -20.72
C HIS A 63 19.95 1.02 -19.43
N THR A 64 20.36 2.28 -19.39
CA THR A 64 20.96 2.90 -18.22
C THR A 64 19.95 3.72 -17.46
N VAL A 65 20.26 4.17 -16.24
CA VAL A 65 19.28 4.91 -15.47
C VAL A 65 18.71 6.13 -16.16
N GLU A 66 19.57 6.88 -16.83
CA GLU A 66 19.19 8.09 -17.55
C GLU A 66 18.74 7.81 -18.98
N GLY A 67 19.20 6.67 -19.51
CA GLY A 67 18.89 6.32 -20.88
C GLY A 67 20.01 6.71 -21.84
N LYS A 68 20.11 5.97 -22.95
CA LYS A 68 21.16 6.24 -23.93
C LYS A 68 20.74 5.75 -25.30
N ALA A 69 21.55 6.06 -26.31
CA ALA A 69 21.18 5.79 -27.70
C ALA A 69 21.12 4.30 -28.00
N GLU A 70 21.98 3.51 -27.41
CA GLU A 70 22.03 2.06 -27.64
C GLU A 70 20.73 1.38 -27.23
N GLY A 71 19.97 2.00 -26.33
CA GLY A 71 18.67 1.46 -25.97
C GLY A 71 17.55 2.41 -26.36
N ASN A 72 17.88 3.36 -27.23
CA ASN A 72 16.91 4.34 -27.69
C ASN A 72 16.32 5.16 -26.54
N TYR A 73 17.13 5.42 -25.53
CA TYR A 73 16.70 6.22 -24.39
C TYR A 73 15.58 5.57 -23.58
N ILE A 74 15.37 4.28 -23.76
CA ILE A 74 14.47 3.57 -22.83
C ILE A 74 15.26 3.31 -21.55
N THR A 75 14.81 3.89 -20.44
CA THR A 75 15.62 3.79 -19.22
C THR A 75 15.58 2.40 -18.59
N LEU A 76 16.51 2.21 -17.66
CA LEU A 76 16.56 1.05 -16.79
C LEU A 76 15.19 0.82 -16.15
N ASP A 77 14.68 1.87 -15.52
CA ASP A 77 13.38 1.81 -14.87
C ASP A 77 12.32 1.25 -15.82
N ARG A 78 12.27 1.82 -17.02
CA ARG A 78 11.27 1.41 -18.00
C ARG A 78 11.46 -0.04 -18.43
N ALA A 79 12.71 -0.39 -18.71
CA ALA A 79 13.04 -1.70 -19.24
C ALA A 79 12.73 -2.79 -18.24
N MET A 80 12.90 -2.47 -16.95
CA MET A 80 12.70 -3.53 -15.96
C MET A 80 11.27 -3.62 -15.49
N HIS A 81 10.49 -2.53 -15.50
CA HIS A 81 9.16 -2.59 -14.91
C HIS A 81 8.04 -2.32 -15.91
N ALA A 82 8.34 -2.08 -17.18
CA ALA A 82 7.31 -1.65 -18.13
C ALA A 82 6.12 -2.60 -18.15
N THR A 83 4.90 -2.09 -18.15
CA THR A 83 3.77 -3.01 -18.18
C THR A 83 2.96 -2.83 -19.46
N ASN A 84 3.07 -1.65 -20.06
CA ASN A 84 2.27 -1.37 -21.24
C ASN A 84 3.12 -1.43 -22.49
N ILE A 85 3.63 -2.60 -22.86
CA ILE A 85 4.59 -2.69 -23.97
C ILE A 85 3.88 -2.96 -25.29
N ALA A 86 4.02 -2.02 -26.22
CA ALA A 86 3.38 -2.12 -27.53
C ALA A 86 3.95 -3.26 -28.37
N LYS A 87 3.09 -4.04 -29.02
CA LYS A 87 3.55 -5.10 -29.89
C LYS A 87 4.33 -4.53 -31.08
N ARG A 88 5.51 -5.07 -31.32
CA ARG A 88 6.41 -4.65 -32.38
C ARG A 88 6.05 -5.27 -33.72
N ALA A 89 5.65 -4.46 -34.69
CA ALA A 89 5.21 -4.94 -36.00
C ALA A 89 6.20 -5.87 -36.68
N LYS A 90 7.49 -5.74 -36.35
CA LYS A 90 8.52 -6.59 -36.93
C LYS A 90 9.63 -6.86 -35.93
N GLY A 91 10.11 -8.10 -35.87
CA GLY A 91 11.17 -8.42 -34.90
C GLY A 91 10.59 -8.58 -33.51
N ASN A 92 11.46 -8.77 -32.52
CA ASN A 92 11.11 -9.09 -31.16
C ASN A 92 10.39 -7.99 -30.39
N THR A 93 9.32 -8.43 -29.73
CA THR A 93 8.65 -7.54 -28.77
C THR A 93 9.31 -7.75 -27.41
N PRO A 94 9.90 -6.69 -26.88
CA PRO A 94 10.62 -6.87 -25.60
C PRO A 94 9.65 -7.20 -24.48
N VAL A 95 10.20 -7.82 -23.44
CA VAL A 95 9.42 -8.02 -22.22
C VAL A 95 10.16 -7.35 -21.08
N SER A 96 9.47 -6.99 -20.01
CA SER A 96 10.09 -6.54 -18.77
C SER A 96 9.98 -7.63 -17.71
N CYS A 97 10.67 -7.47 -16.58
CA CYS A 97 10.50 -8.41 -15.47
C CYS A 97 9.03 -8.45 -15.07
N VAL A 98 8.45 -7.26 -14.95
CA VAL A 98 7.07 -7.16 -14.49
C VAL A 98 6.11 -7.63 -15.57
N SER A 99 6.30 -7.24 -16.84
CA SER A 99 5.29 -7.66 -17.82
C SER A 99 5.26 -9.17 -17.97
N CYS A 100 6.39 -9.87 -17.87
CA CYS A 100 6.32 -11.31 -18.11
C CYS A 100 5.63 -11.98 -16.93
N HIS A 101 5.98 -11.55 -15.73
CA HIS A 101 5.39 -12.16 -14.52
C HIS A 101 3.89 -11.99 -14.64
N GLU A 102 3.44 -10.81 -15.01
CA GLU A 102 2.01 -10.55 -15.15
C GLU A 102 1.33 -11.40 -16.21
N GLN A 103 1.95 -11.59 -17.36
CA GLN A 103 1.43 -12.46 -18.41
C GLN A 103 1.25 -13.89 -17.90
N GLN A 104 2.18 -14.33 -17.06
CA GLN A 104 2.07 -15.65 -16.45
C GLN A 104 0.74 -15.79 -15.70
N THR A 105 0.39 -14.74 -14.95
CA THR A 105 -0.82 -14.76 -14.14
C THR A 105 -2.08 -14.72 -15.01
N LYS A 106 -1.98 -14.17 -16.21
CA LYS A 106 -3.14 -14.10 -17.10
C LYS A 106 -3.28 -15.35 -17.97
N GLU A 107 -2.16 -15.98 -18.32
CA GLU A 107 -2.14 -17.06 -19.28
C GLU A 107 -2.19 -18.43 -18.66
N ARG A 108 -1.81 -18.60 -17.41
CA ARG A 108 -1.84 -19.96 -16.88
C ARG A 108 -3.11 -20.18 -16.06
N ARG A 109 -3.90 -21.17 -16.47
CA ARG A 109 -5.20 -21.44 -15.86
C ARG A 109 -5.11 -21.53 -14.34
N GLU A 110 -4.06 -22.15 -13.81
CA GLU A 110 -4.02 -22.31 -12.35
C GLU A 110 -3.82 -20.95 -11.67
N CYS A 111 -3.38 -19.95 -12.42
CA CYS A 111 -3.15 -18.62 -11.87
C CYS A 111 -4.29 -17.65 -12.21
N ALA A 112 -4.91 -17.84 -13.39
CA ALA A 112 -5.83 -16.84 -13.89
C ALA A 112 -7.16 -16.77 -13.15
N GLY A 113 -7.46 -17.68 -12.25
CA GLY A 113 -8.73 -17.54 -11.52
C GLY A 113 -8.59 -16.44 -10.48
N CYS A 114 -7.69 -16.66 -9.53
CA CYS A 114 -7.41 -15.64 -8.52
C CYS A 114 -7.02 -14.33 -9.19
N HIS A 115 -6.12 -14.45 -10.16
CA HIS A 115 -5.59 -13.20 -10.73
C HIS A 115 -6.62 -12.53 -11.60
N ALA A 116 -7.78 -13.13 -11.89
CA ALA A 116 -8.82 -12.36 -12.55
C ALA A 116 -9.48 -11.38 -11.58
N ILE A 117 -9.36 -11.63 -10.28
CA ILE A 117 -10.10 -10.77 -9.34
C ILE A 117 -9.21 -10.07 -8.35
N VAL A 118 -7.94 -10.45 -8.28
CA VAL A 118 -7.02 -9.77 -7.38
C VAL A 118 -6.73 -8.38 -7.91
N THR A 119 -6.64 -7.36 -7.05
CA THR A 119 -5.94 -6.17 -7.56
C THR A 119 -4.65 -6.02 -6.74
N PRO A 120 -3.51 -6.07 -7.42
CA PRO A 120 -2.24 -6.21 -6.70
C PRO A 120 -1.96 -4.88 -5.99
N LYS A 121 -1.43 -4.94 -4.78
CA LYS A 121 -1.11 -3.69 -4.09
C LYS A 121 0.16 -3.03 -4.62
N ARG A 122 1.18 -3.75 -5.08
CA ARG A 122 2.40 -3.08 -5.55
C ARG A 122 3.02 -2.20 -4.47
N ASP A 123 3.15 -2.79 -3.28
CA ASP A 123 3.66 -2.10 -2.11
C ASP A 123 5.11 -2.50 -1.87
N GLU A 124 5.66 -2.12 -0.73
CA GLU A 124 7.04 -2.41 -0.40
C GLU A 124 7.34 -3.90 -0.50
N ALA A 125 6.47 -4.77 0.01
CA ALA A 125 6.74 -6.21 -0.03
C ALA A 125 6.85 -6.73 -1.47
N TRP A 126 6.07 -6.13 -2.36
CA TRP A 126 6.15 -6.37 -3.80
C TRP A 126 7.54 -5.97 -4.31
N CYS A 127 7.95 -4.73 -4.09
CA CYS A 127 9.26 -4.29 -4.59
C CYS A 127 10.38 -5.19 -4.06
N ALA A 128 10.30 -5.56 -2.79
CA ALA A 128 11.38 -6.26 -2.13
C ALA A 128 11.55 -7.70 -2.63
N THR A 129 10.53 -8.19 -3.33
CA THR A 129 10.64 -9.54 -3.89
C THR A 129 11.83 -9.58 -4.86
N CYS A 130 12.00 -8.48 -5.60
CA CYS A 130 13.16 -8.38 -6.48
C CYS A 130 14.30 -7.60 -5.82
N HIS A 131 13.98 -6.42 -5.30
CA HIS A 131 14.98 -5.57 -4.65
C HIS A 131 15.32 -6.18 -3.30
N ASN A 132 16.22 -7.16 -3.35
CA ASN A 132 16.41 -8.19 -2.37
C ASN A 132 17.86 -8.53 -2.02
N ILE A 133 18.85 -7.69 -2.17
CA ILE A 133 20.24 -7.97 -1.84
C ILE A 133 20.53 -8.43 -0.42
N THR A 134 21.52 -9.30 -0.25
CA THR A 134 22.02 -9.73 1.05
C THR A 134 22.56 -8.55 1.87
N PRO A 135 22.51 -8.65 3.20
CA PRO A 135 22.96 -7.54 4.06
C PRO A 135 24.48 -7.39 4.07
N SER A 136 25.18 -8.45 3.71
CA SER A 136 26.64 -8.41 3.72
C SER A 136 27.19 -7.53 2.62
N MET A 137 26.36 -7.12 1.65
CA MET A 137 26.88 -6.17 0.65
C MET A 137 27.32 -4.89 1.36
N THR A 138 28.50 -4.37 1.01
CA THR A 138 28.98 -3.13 1.58
C THR A 138 28.67 -1.93 0.68
N PRO A 139 28.68 -0.74 1.27
CA PRO A 139 28.49 0.48 0.48
C PRO A 139 29.52 0.57 -0.62
N GLU A 140 30.71 0.03 -0.32
CA GLU A 140 31.80 -0.01 -1.29
C GLU A 140 31.43 -0.88 -2.48
N GLN A 141 30.98 -2.11 -2.20
CA GLN A 141 30.52 -2.99 -3.29
C GLN A 141 29.43 -2.31 -4.10
N MET A 142 28.52 -1.64 -3.38
CA MET A 142 27.47 -0.87 -4.07
C MET A 142 28.08 0.12 -5.04
N GLN A 143 29.07 0.91 -4.61
CA GLN A 143 29.64 1.90 -5.53
C GLN A 143 30.25 1.21 -6.74
N LYS A 144 31.02 0.16 -6.45
CA LYS A 144 31.65 -0.62 -7.51
C LYS A 144 30.58 -1.20 -8.42
N GLY A 145 29.54 -1.77 -7.82
CA GLY A 145 28.43 -2.26 -8.63
C GLY A 145 27.90 -1.13 -9.49
N ILE A 146 27.66 0.04 -8.86
CA ILE A 146 27.16 1.16 -9.65
C ILE A 146 28.17 1.59 -10.71
N ASN A 147 29.46 1.63 -10.36
CA ASN A 147 30.45 2.08 -11.33
C ASN A 147 30.81 1.01 -12.36
N GLY A 148 30.53 -0.25 -12.06
CA GLY A 148 30.88 -1.31 -13.00
C GLY A 148 32.32 -1.75 -12.84
N THR A 149 32.90 -1.49 -11.66
CA THR A 149 34.26 -1.93 -11.38
C THR A 149 34.23 -3.07 -10.37
N LEU A 150 33.03 -3.62 -10.16
CA LEU A 150 32.98 -4.79 -9.27
C LEU A 150 33.51 -5.99 -10.03
N LEU A 151 34.26 -6.88 -9.38
CA LEU A 151 34.65 -8.10 -10.10
C LEU A 151 33.48 -9.09 -10.11
N PRO A 152 33.18 -9.69 -11.26
CA PRO A 152 32.14 -10.72 -11.37
C PRO A 152 32.25 -11.77 -10.27
N GLY A 153 33.49 -12.06 -9.88
CA GLY A 153 33.75 -12.96 -8.77
C GLY A 153 33.08 -12.44 -7.52
N ASP A 154 33.10 -11.13 -7.34
CA ASP A 154 32.44 -10.61 -6.13
C ASP A 154 30.94 -10.53 -6.34
N ASN A 155 30.56 -10.17 -7.56
CA ASN A 155 29.14 -10.14 -7.89
C ASN A 155 28.50 -11.50 -7.62
N GLU A 156 29.13 -12.54 -8.14
CA GLU A 156 28.55 -13.88 -8.02
C GLU A 156 28.54 -14.35 -6.57
N ALA A 157 29.53 -13.94 -5.78
CA ALA A 157 29.52 -14.35 -4.38
C ALA A 157 28.35 -13.70 -3.64
N LEU A 158 28.19 -12.39 -3.83
CA LEU A 158 27.08 -11.69 -3.23
C LEU A 158 25.77 -12.36 -3.64
N ALA A 159 25.71 -12.73 -4.92
CA ALA A 159 24.45 -13.28 -5.44
C ALA A 159 24.22 -14.67 -4.87
N ALA A 160 25.28 -15.48 -4.74
CA ALA A 160 25.05 -16.82 -4.19
C ALA A 160 24.66 -16.76 -2.71
N GLU A 161 25.21 -15.79 -1.99
CA GLU A 161 24.89 -15.63 -0.58
C GLU A 161 23.44 -15.23 -0.37
N THR A 162 23.01 -14.28 -1.19
CA THR A 162 21.60 -13.87 -1.14
C THR A 162 20.68 -15.04 -1.43
N VAL A 163 20.95 -15.73 -2.53
CA VAL A 163 20.10 -16.82 -2.99
C VAL A 163 20.04 -17.91 -1.93
N LEU A 164 21.21 -18.33 -1.47
CA LEU A 164 21.30 -19.34 -0.42
C LEU A 164 20.62 -18.88 0.86
N ALA A 165 20.50 -17.57 1.09
CA ALA A 165 19.82 -17.12 2.31
C ALA A 165 18.31 -16.99 2.10
N GLN A 166 17.80 -17.13 0.88
CA GLN A 166 16.36 -16.90 0.69
C GLN A 166 15.50 -18.00 1.28
N LYS A 167 14.37 -17.63 1.86
CA LYS A 167 13.44 -18.61 2.42
C LYS A 167 12.03 -18.36 1.93
N THR A 168 11.35 -19.41 1.49
CA THR A 168 9.99 -19.22 0.98
C THR A 168 9.00 -19.13 2.12
N VAL A 169 8.13 -18.13 2.07
CA VAL A 169 7.08 -17.93 3.06
C VAL A 169 5.97 -18.96 2.94
N GLU A 170 5.63 -19.68 4.00
CA GLU A 170 4.61 -20.71 3.87
C GLU A 170 3.20 -20.14 4.01
N PRO A 171 2.30 -20.34 3.06
CA PRO A 171 0.92 -19.85 3.22
C PRO A 171 0.24 -20.50 4.43
N VAL A 172 -0.62 -19.79 5.16
CA VAL A 172 -1.26 -20.50 6.26
C VAL A 172 -2.13 -21.63 5.71
N SER A 173 -2.26 -22.66 6.54
CA SER A 173 -3.07 -23.81 6.17
C SER A 173 -4.53 -23.41 6.05
N PRO A 174 -5.23 -23.98 5.08
CA PRO A 174 -6.66 -23.72 4.96
C PRO A 174 -7.43 -24.24 6.17
N MET A 175 -6.82 -25.10 6.98
CA MET A 175 -7.36 -25.51 8.26
C MET A 175 -7.55 -24.33 9.21
N LEU A 176 -6.91 -23.17 8.99
CA LEU A 176 -7.13 -22.08 9.94
C LEU A 176 -8.23 -21.13 9.49
N ALA A 177 -8.94 -21.50 8.43
CA ALA A 177 -10.08 -20.72 7.93
C ALA A 177 -11.34 -21.59 7.98
N PRO A 178 -12.51 -21.00 7.92
CA PRO A 178 -13.73 -21.81 8.07
C PRO A 178 -13.83 -22.95 7.07
N TYR A 179 -14.41 -24.07 7.53
CA TYR A 179 -14.65 -25.21 6.64
C TYR A 179 -15.63 -24.79 5.55
N LYS A 180 -16.78 -24.31 6.01
CA LYS A 180 -17.81 -23.82 5.10
C LYS A 180 -18.30 -22.47 5.62
N VAL A 181 -18.95 -21.71 4.76
CA VAL A 181 -19.56 -20.46 5.19
C VAL A 181 -20.94 -20.36 4.54
N VAL A 182 -21.94 -20.23 5.42
CA VAL A 182 -23.30 -20.06 4.92
C VAL A 182 -23.55 -18.58 4.65
N ILE A 183 -23.53 -18.21 3.37
CA ILE A 183 -23.70 -16.81 2.99
C ILE A 183 -25.18 -16.49 2.91
N ASP A 184 -25.69 -15.77 3.91
CA ASP A 184 -27.13 -15.56 3.98
C ASP A 184 -27.51 -14.10 4.19
N ALA A 185 -26.58 -13.16 4.06
CA ALA A 185 -26.92 -11.75 4.28
C ALA A 185 -28.10 -11.28 3.45
N LEU A 186 -28.30 -11.85 2.27
CA LEU A 186 -29.32 -11.31 1.37
C LEU A 186 -30.47 -12.25 1.11
N ALA A 187 -30.54 -13.37 1.82
CA ALA A 187 -31.41 -14.48 1.44
C ALA A 187 -32.85 -14.00 1.31
N ASP A 188 -33.39 -14.19 0.11
CA ASP A 188 -34.76 -13.74 -0.16
C ASP A 188 -35.39 -14.60 -1.23
N LYS A 189 -34.98 -14.41 -2.49
CA LYS A 189 -35.52 -15.26 -3.55
C LYS A 189 -34.84 -16.62 -3.52
N TYR A 190 -33.64 -16.65 -2.93
CA TYR A 190 -32.96 -17.93 -2.86
C TYR A 190 -32.59 -18.24 -1.41
N GLU A 191 -32.29 -19.49 -1.16
CA GLU A 191 -31.67 -19.92 0.09
C GLU A 191 -30.25 -19.38 0.18
N PRO A 192 -29.67 -19.43 1.37
CA PRO A 192 -28.27 -19.02 1.50
C PRO A 192 -27.36 -19.91 0.65
N SER A 193 -26.23 -19.33 0.25
CA SER A 193 -25.23 -20.06 -0.49
C SER A 193 -24.29 -20.74 0.48
N ASN A 194 -24.21 -22.06 0.42
CA ASN A 194 -23.31 -22.85 1.25
C ASN A 194 -21.94 -22.95 0.58
N PHE A 195 -21.15 -21.90 0.76
CA PHE A 195 -19.86 -21.80 0.09
C PHE A 195 -18.86 -22.78 0.65
N THR A 196 -18.25 -23.58 -0.20
CA THR A 196 -17.23 -24.54 0.22
C THR A 196 -15.87 -23.86 0.38
N HIS A 197 -15.77 -22.99 1.37
CA HIS A 197 -14.66 -22.13 1.70
C HIS A 197 -13.33 -22.88 1.71
N ARG A 198 -13.21 -23.91 2.54
CA ARG A 198 -11.93 -24.59 2.67
C ARG A 198 -11.63 -25.48 1.47
N ARG A 199 -12.68 -26.03 0.88
CA ARG A 199 -12.50 -26.83 -0.34
C ARG A 199 -11.86 -25.94 -1.42
N HIS A 200 -12.44 -24.78 -1.62
CA HIS A 200 -11.98 -23.79 -2.60
C HIS A 200 -10.52 -23.39 -2.35
N LEU A 201 -10.20 -22.87 -1.16
CA LEU A 201 -8.83 -22.45 -0.87
C LEU A 201 -7.86 -23.62 -1.05
N THR A 202 -8.21 -24.79 -0.52
CA THR A 202 -7.33 -25.94 -0.61
C THR A 202 -7.00 -26.30 -2.04
N SER A 203 -8.03 -26.26 -2.87
CA SER A 203 -7.88 -26.60 -4.29
C SER A 203 -7.01 -25.59 -5.01
N LEU A 204 -7.29 -24.30 -4.78
CA LEU A 204 -6.49 -23.27 -5.45
C LEU A 204 -5.02 -23.35 -5.08
N MET A 205 -4.71 -23.60 -3.82
CA MET A 205 -3.35 -23.72 -3.31
C MET A 205 -2.65 -24.95 -3.84
N GLU A 206 -3.40 -26.04 -4.01
CA GLU A 206 -2.69 -27.27 -4.37
C GLU A 206 -2.09 -27.16 -5.77
N ARG A 207 -2.84 -26.57 -6.69
CA ARG A 207 -2.44 -26.35 -8.06
C ARG A 207 -1.21 -25.45 -8.21
N ILE A 208 -0.74 -24.80 -7.15
CA ILE A 208 0.41 -23.91 -7.31
C ILE A 208 1.46 -24.15 -6.24
N LYS A 209 1.30 -25.23 -5.49
CA LYS A 209 2.14 -25.46 -4.31
C LYS A 209 3.62 -25.50 -4.62
N ASP A 210 4.05 -25.78 -5.86
CA ASP A 210 5.50 -25.76 -6.04
C ASP A 210 5.97 -24.71 -7.04
N ASP A 211 5.12 -23.76 -7.42
CA ASP A 211 5.49 -22.72 -8.38
C ASP A 211 6.38 -21.66 -7.74
N LYS A 212 7.56 -21.50 -8.35
CA LYS A 212 8.60 -20.65 -7.79
C LYS A 212 8.26 -19.18 -7.91
N LEU A 213 7.55 -18.82 -8.97
CA LEU A 213 7.14 -17.44 -9.18
C LEU A 213 6.03 -17.08 -8.20
N ALA A 214 5.04 -17.96 -8.09
CA ALA A 214 3.98 -17.75 -7.10
C ALA A 214 4.59 -17.72 -5.70
N GLN A 215 5.48 -18.65 -5.37
CA GLN A 215 6.00 -18.68 -4.00
C GLN A 215 6.74 -17.40 -3.62
N ALA A 216 7.45 -16.78 -4.56
CA ALA A 216 8.21 -15.58 -4.25
C ALA A 216 7.30 -14.40 -3.96
N PHE A 217 6.23 -14.27 -4.75
CA PHE A 217 5.39 -13.09 -4.62
C PHE A 217 4.26 -13.26 -3.61
N HIS A 218 3.89 -14.49 -3.36
CA HIS A 218 2.89 -14.83 -2.34
C HIS A 218 3.66 -14.83 -1.03
N ASN A 219 4.02 -13.61 -0.57
CA ASN A 219 5.09 -13.55 0.42
C ASN A 219 4.65 -13.08 1.80
N LYS A 220 3.37 -13.16 2.15
CA LYS A 220 3.00 -13.11 3.57
C LYS A 220 2.14 -14.34 3.85
N PRO A 221 2.28 -14.97 5.00
CA PRO A 221 1.51 -16.17 5.31
C PRO A 221 0.02 -16.04 5.06
N GLU A 222 -0.59 -14.88 5.28
CA GLU A 222 -2.03 -14.81 5.00
C GLU A 222 -2.37 -14.10 3.71
N ILE A 223 -1.43 -13.95 2.78
CA ILE A 223 -1.76 -13.16 1.60
C ILE A 223 -2.80 -13.79 0.69
N LEU A 224 -2.95 -15.12 0.64
CA LEU A 224 -3.93 -15.66 -0.31
C LEU A 224 -5.35 -15.38 0.12
N CYS A 225 -5.57 -15.16 1.43
CA CYS A 225 -6.88 -14.73 1.89
C CYS A 225 -7.33 -13.47 1.18
N ALA A 226 -6.33 -12.63 0.84
CA ALA A 226 -6.70 -11.31 0.30
C ALA A 226 -7.20 -11.42 -1.13
N THR A 227 -7.10 -12.59 -1.74
CA THR A 227 -7.71 -12.81 -3.06
C THR A 227 -9.16 -12.37 -3.10
N CYS A 228 -9.86 -12.73 -2.00
CA CYS A 228 -11.27 -12.40 -1.88
C CYS A 228 -11.50 -11.33 -0.81
N HIS A 229 -10.85 -11.50 0.34
CA HIS A 229 -10.89 -10.55 1.45
C HIS A 229 -9.96 -9.38 1.14
N HIS A 230 -10.32 -8.56 0.17
CA HIS A 230 -9.37 -7.55 -0.28
C HIS A 230 -9.47 -6.24 0.49
N ARG A 231 -8.44 -5.41 0.38
CA ARG A 231 -8.46 -4.03 0.83
C ARG A 231 -8.67 -3.93 2.33
N SER A 232 -8.21 -4.93 3.08
CA SER A 232 -8.19 -4.79 4.54
C SER A 232 -6.98 -5.52 5.06
N PRO A 233 -6.47 -5.18 6.24
CA PRO A 233 -5.25 -5.80 6.75
C PRO A 233 -5.30 -7.31 6.75
N LEU A 234 -4.21 -8.00 6.43
CA LEU A 234 -4.25 -9.46 6.44
C LEU A 234 -4.62 -9.94 7.84
N SER A 235 -5.47 -10.95 7.93
CA SER A 235 -6.04 -11.34 9.21
C SER A 235 -6.70 -12.71 9.14
N LEU A 236 -6.77 -13.46 10.22
CA LEU A 236 -7.48 -14.74 10.14
C LEU A 236 -8.97 -14.51 10.30
N THR A 237 -9.38 -13.28 10.61
CA THR A 237 -10.82 -13.02 10.69
C THR A 237 -11.19 -11.72 10.01
N PRO A 238 -11.14 -11.68 8.68
CA PRO A 238 -11.37 -10.42 7.97
C PRO A 238 -12.81 -9.97 8.13
N PRO A 239 -13.03 -8.67 7.92
CA PRO A 239 -14.39 -8.13 8.03
C PRO A 239 -15.25 -8.71 6.91
N LYS A 240 -16.57 -8.63 7.09
CA LYS A 240 -17.49 -9.18 6.12
C LYS A 240 -17.64 -8.27 4.90
N CYS A 241 -17.90 -8.89 3.74
CA CYS A 241 -18.10 -8.12 2.51
C CYS A 241 -19.10 -7.00 2.77
N GLY A 242 -20.14 -7.33 3.55
CA GLY A 242 -21.23 -6.43 3.80
C GLY A 242 -20.87 -5.27 4.71
N SER A 243 -19.66 -5.28 5.26
CA SER A 243 -19.16 -4.12 6.00
C SER A 243 -18.88 -2.96 5.05
N CYS A 244 -18.40 -3.26 3.84
CA CYS A 244 -18.03 -2.23 2.88
C CYS A 244 -18.98 -2.14 1.70
N HIS A 245 -19.60 -3.27 1.35
CA HIS A 245 -20.53 -3.28 0.22
C HIS A 245 -21.99 -3.25 0.67
N THR A 246 -22.70 -2.15 0.42
CA THR A 246 -24.06 -2.07 0.95
C THR A 246 -25.04 -2.88 0.10
N LYS A 247 -26.13 -3.32 0.71
CA LYS A 247 -27.18 -4.01 -0.05
C LYS A 247 -27.77 -3.14 -1.14
N GLU A 248 -28.02 -1.86 -0.86
CA GLU A 248 -28.52 -0.99 -1.91
C GLU A 248 -27.39 -0.16 -2.49
N ILE A 249 -27.72 0.62 -3.51
CA ILE A 249 -26.66 1.37 -4.18
C ILE A 249 -26.12 2.48 -3.29
N ASP A 250 -24.81 2.62 -3.37
CA ASP A 250 -24.07 3.58 -2.56
C ASP A 250 -23.46 4.63 -3.46
N LYS A 251 -24.21 5.71 -3.69
CA LYS A 251 -23.82 6.79 -4.58
C LYS A 251 -22.48 7.40 -4.20
N ALA A 252 -22.22 7.42 -2.89
CA ALA A 252 -20.98 7.95 -2.34
C ALA A 252 -19.78 7.12 -2.80
N ASN A 253 -19.99 5.85 -3.08
CA ASN A 253 -18.94 4.92 -3.51
C ASN A 253 -19.31 4.18 -4.79
N PRO A 254 -19.31 4.89 -5.90
CA PRO A 254 -19.78 4.32 -7.16
C PRO A 254 -18.84 3.24 -7.67
N GLY A 255 -17.59 3.21 -7.21
CA GLY A 255 -16.70 2.14 -7.63
C GLY A 255 -17.04 0.83 -6.95
N ARG A 256 -17.87 0.94 -5.90
CA ARG A 256 -18.19 -0.22 -5.08
C ARG A 256 -19.46 -0.88 -5.59
N PRO A 257 -19.41 -2.15 -5.97
CA PRO A 257 -20.66 -2.85 -6.30
C PRO A 257 -21.49 -3.04 -5.03
N ASN A 258 -22.81 -3.10 -5.19
CA ASN A 258 -23.67 -3.40 -4.06
C ASN A 258 -23.44 -4.84 -3.67
N LEU A 259 -23.97 -5.28 -2.54
CA LEU A 259 -23.46 -6.56 -2.03
C LEU A 259 -23.84 -7.75 -2.90
N MET A 260 -25.00 -7.76 -3.56
CA MET A 260 -25.29 -8.91 -4.43
C MET A 260 -24.34 -8.95 -5.62
N ALA A 261 -24.07 -7.80 -6.22
CA ALA A 261 -23.15 -7.75 -7.37
C ALA A 261 -21.73 -8.08 -6.94
N ALA A 262 -21.37 -7.66 -5.73
CA ALA A 262 -20.08 -8.01 -5.18
C ALA A 262 -19.88 -9.53 -5.15
N TYR A 263 -20.83 -10.24 -4.55
CA TYR A 263 -20.64 -11.70 -4.53
C TYR A 263 -20.60 -12.23 -5.96
N HIS A 264 -21.56 -11.81 -6.80
CA HIS A 264 -21.61 -12.35 -8.16
C HIS A 264 -20.31 -12.08 -8.93
N LEU A 265 -19.89 -10.82 -8.98
CA LEU A 265 -18.70 -10.44 -9.72
C LEU A 265 -17.46 -11.18 -9.24
N GLN A 266 -17.31 -11.34 -7.93
CA GLN A 266 -16.14 -12.05 -7.41
C GLN A 266 -16.20 -13.55 -7.66
N CYS A 267 -17.29 -14.21 -7.26
CA CYS A 267 -17.41 -15.64 -7.48
C CYS A 267 -17.33 -15.97 -8.98
N MET A 268 -18.14 -15.29 -9.78
CA MET A 268 -18.18 -15.57 -11.20
C MET A 268 -16.88 -15.17 -11.88
N GLY A 269 -16.26 -14.11 -11.37
CA GLY A 269 -15.03 -13.63 -11.98
C GLY A 269 -13.95 -14.69 -11.97
N CYS A 270 -13.74 -15.31 -10.81
CA CYS A 270 -12.73 -16.35 -10.76
C CYS A 270 -13.16 -17.53 -11.65
N HIS A 271 -14.39 -17.97 -11.49
CA HIS A 271 -14.90 -19.12 -12.24
C HIS A 271 -14.65 -18.95 -13.74
N LYS A 272 -14.98 -17.78 -14.27
CA LYS A 272 -14.69 -17.53 -15.67
C LYS A 272 -13.18 -17.52 -15.90
N GLY A 273 -12.42 -16.84 -15.05
CA GLY A 273 -10.99 -16.77 -15.31
C GLY A 273 -10.30 -18.11 -15.43
N MET A 274 -10.74 -19.14 -14.69
CA MET A 274 -9.98 -20.37 -14.80
C MET A 274 -10.85 -21.47 -15.40
N ASP A 275 -11.81 -21.03 -16.20
CA ASP A 275 -12.75 -21.83 -16.96
C ASP A 275 -13.41 -22.93 -16.15
N VAL A 276 -14.06 -22.55 -15.05
CA VAL A 276 -14.76 -23.59 -14.28
C VAL A 276 -15.96 -24.07 -15.06
N ALA A 277 -16.13 -25.38 -15.20
CA ALA A 277 -17.26 -25.85 -16.00
C ALA A 277 -18.59 -25.72 -15.28
N ARG A 278 -18.56 -25.84 -13.95
CA ARG A 278 -19.77 -25.73 -13.15
C ARG A 278 -19.45 -25.07 -11.81
N PRO A 279 -20.25 -24.11 -11.36
CA PRO A 279 -21.41 -23.62 -12.11
C PRO A 279 -21.08 -22.55 -13.15
N ARG A 280 -21.84 -22.54 -14.24
CA ARG A 280 -21.86 -21.47 -15.21
C ARG A 280 -22.57 -20.25 -14.62
N ASP A 281 -22.22 -19.07 -15.11
CA ASP A 281 -22.79 -17.83 -14.59
C ASP A 281 -24.31 -17.77 -14.76
N THR A 282 -24.85 -18.60 -15.64
CA THR A 282 -26.26 -18.62 -15.98
C THR A 282 -27.05 -19.65 -15.16
N ASP A 283 -26.32 -20.48 -14.45
CA ASP A 283 -26.89 -21.47 -13.53
C ASP A 283 -27.27 -20.76 -12.24
N CYS A 284 -28.53 -20.43 -12.04
CA CYS A 284 -28.96 -19.66 -10.88
C CYS A 284 -29.32 -20.45 -9.64
N THR A 285 -29.15 -21.76 -9.63
CA THR A 285 -29.51 -22.49 -8.39
C THR A 285 -28.35 -23.30 -7.87
N THR A 286 -27.29 -23.53 -8.64
CA THR A 286 -26.21 -24.34 -8.08
C THR A 286 -25.50 -23.63 -6.92
N CYS A 287 -25.45 -22.29 -6.92
CA CYS A 287 -24.78 -21.59 -5.83
C CYS A 287 -25.71 -21.31 -4.66
N HIS A 288 -26.99 -21.35 -4.98
CA HIS A 288 -28.03 -21.12 -3.99
C HIS A 288 -29.37 -21.68 -4.47
N LYS A 289 -29.86 -22.71 -3.79
CA LYS A 289 -31.12 -23.34 -4.12
C LYS A 289 -32.30 -22.37 -4.12
N ALA A 290 -33.26 -22.57 -5.03
CA ALA A 290 -34.39 -21.63 -5.04
C ALA A 290 -35.15 -21.69 -3.72
N ALA A 291 -35.63 -20.55 -3.22
CA ALA A 291 -36.33 -20.68 -1.93
C ALA A 291 -37.74 -21.18 -2.19
N PRO A 292 -38.23 -22.05 -1.30
CA PRO A 292 -39.61 -22.52 -1.38
C PRO A 292 -40.57 -21.37 -1.07
N LYS A 293 -41.30 -20.95 -2.00
N ALA B 1 -5.79 -0.13 34.92
CA ALA B 1 -5.85 1.16 35.60
C ALA B 1 -6.93 2.06 35.01
N ALA B 2 -6.86 3.36 35.32
CA ALA B 2 -7.84 4.28 34.73
C ALA B 2 -7.15 5.53 34.21
N LEU B 3 -7.82 6.17 33.27
CA LEU B 3 -7.32 7.37 32.63
C LEU B 3 -8.03 8.60 33.18
N GLU B 4 -7.48 9.76 32.81
CA GLU B 4 -8.00 11.05 33.26
C GLU B 4 -9.46 11.26 32.91
N PRO B 5 -10.28 11.56 33.92
CA PRO B 5 -11.70 11.82 33.69
C PRO B 5 -11.90 13.06 32.82
N THR B 6 -12.95 13.00 32.01
CA THR B 6 -13.31 14.07 31.10
C THR B 6 -14.13 15.15 31.78
N ASP B 7 -14.09 16.38 31.26
CA ASP B 7 -15.01 17.42 31.70
C ASP B 7 -16.43 17.08 31.21
N SER B 8 -16.54 16.56 29.99
CA SER B 8 -17.83 16.26 29.37
C SER B 8 -18.58 15.11 30.02
N GLY B 9 -17.90 14.16 30.69
CA GLY B 9 -18.68 13.05 31.21
C GLY B 9 -18.57 11.84 30.31
N ALA B 10 -18.20 12.03 29.04
CA ALA B 10 -17.92 10.85 28.21
C ALA B 10 -16.80 10.06 28.88
N PRO B 11 -16.76 8.75 28.69
CA PRO B 11 -15.61 8.00 29.21
C PRO B 11 -14.35 8.57 28.57
N SER B 12 -13.25 8.50 29.29
CA SER B 12 -12.00 9.10 28.84
C SER B 12 -11.53 8.48 27.52
N ALA B 13 -11.59 7.17 27.42
CA ALA B 13 -11.30 6.42 26.21
C ALA B 13 -12.36 5.33 26.02
N ILE B 14 -12.69 5.06 24.76
CA ILE B 14 -13.80 4.16 24.48
C ILE B 14 -13.56 3.12 23.40
N VAL B 15 -13.82 1.84 23.66
CA VAL B 15 -13.77 0.86 22.58
C VAL B 15 -15.04 0.90 21.74
N MET B 16 -14.87 1.14 20.44
CA MET B 16 -15.96 1.09 19.46
C MET B 16 -15.92 -0.24 18.71
N PHE B 17 -17.07 -0.90 18.60
CA PHE B 17 -17.14 -2.22 17.97
C PHE B 17 -17.95 -2.20 16.68
N PRO B 18 -17.84 -3.25 15.86
CA PRO B 18 -18.67 -3.36 14.64
C PRO B 18 -20.08 -3.83 14.99
N VAL B 19 -20.93 -2.87 15.32
CA VAL B 19 -22.29 -3.08 15.81
C VAL B 19 -23.28 -3.21 14.67
N GLY B 20 -24.08 -4.27 14.61
CA GLY B 20 -25.08 -4.34 13.55
C GLY B 20 -26.13 -5.41 13.79
N GLU B 21 -26.99 -5.59 12.81
CA GLU B 21 -28.07 -6.55 12.76
C GLU B 21 -27.67 -8.00 13.03
N LYS B 22 -27.02 -8.55 12.03
CA LYS B 22 -26.72 -9.95 11.85
C LYS B 22 -25.61 -10.49 12.74
N PRO B 23 -25.74 -11.75 13.16
CA PRO B 23 -24.81 -12.42 14.06
C PRO B 23 -23.41 -12.62 13.46
N ASN B 24 -22.38 -12.38 14.26
CA ASN B 24 -20.99 -12.46 13.83
C ASN B 24 -20.17 -13.29 14.80
N PRO B 25 -20.55 -14.57 14.95
CA PRO B 25 -19.97 -15.45 15.96
C PRO B 25 -18.46 -15.66 15.80
N LYS B 26 -17.93 -15.44 14.61
CA LYS B 26 -16.48 -15.65 14.44
C LYS B 26 -15.70 -14.36 14.63
N GLY B 27 -16.37 -13.26 14.91
CA GLY B 27 -15.61 -12.02 15.06
C GLY B 27 -14.90 -11.66 13.76
N ALA B 28 -15.59 -11.88 12.63
CA ALA B 28 -15.08 -11.47 11.32
C ALA B 28 -15.21 -9.96 11.22
N ALA B 29 -14.07 -9.28 11.38
CA ALA B 29 -14.10 -7.83 11.47
C ALA B 29 -12.71 -7.23 11.64
N MET B 30 -12.61 -5.94 11.39
CA MET B 30 -11.43 -5.17 11.79
C MET B 30 -11.22 -5.23 13.29
N LYS B 31 -9.99 -5.04 13.77
CA LYS B 31 -9.85 -4.79 15.21
C LYS B 31 -10.74 -3.62 15.61
N PRO B 32 -11.32 -3.70 16.79
CA PRO B 32 -12.11 -2.58 17.33
C PRO B 32 -11.23 -1.35 17.47
N VAL B 33 -11.87 -0.19 17.51
CA VAL B 33 -11.15 1.07 17.62
C VAL B 33 -11.30 1.66 19.02
N VAL B 34 -10.16 1.99 19.63
CA VAL B 34 -10.18 2.74 20.87
C VAL B 34 -10.05 4.24 20.60
N PHE B 35 -11.14 4.97 20.79
CA PHE B 35 -11.23 6.41 20.64
C PHE B 35 -10.89 7.14 21.94
N ASN B 36 -9.94 8.07 21.87
CA ASN B 36 -9.54 8.84 23.05
C ASN B 36 -10.42 10.08 23.15
N HIS B 37 -11.54 9.96 23.86
CA HIS B 37 -12.45 11.10 24.00
C HIS B 37 -11.78 12.28 24.71
N LEU B 38 -10.95 11.96 25.71
CA LEU B 38 -10.26 13.00 26.45
C LEU B 38 -9.52 13.96 25.55
N ILE B 39 -8.59 13.41 24.75
CA ILE B 39 -7.81 14.37 23.95
C ILE B 39 -8.68 15.05 22.92
N HIS B 40 -9.72 14.36 22.46
CA HIS B 40 -10.48 14.98 21.37
C HIS B 40 -11.29 16.17 21.88
N GLU B 41 -11.94 15.96 23.03
CA GLU B 41 -12.80 17.06 23.48
C GLU B 41 -11.98 18.24 23.95
N LYS B 42 -10.72 18.00 24.32
CA LYS B 42 -9.92 19.16 24.72
C LYS B 42 -9.46 19.92 23.50
N LYS B 43 -9.67 19.39 22.30
CA LYS B 43 -9.21 20.14 21.12
C LYS B 43 -10.38 20.67 20.31
N ILE B 44 -11.43 19.85 20.18
CA ILE B 44 -12.60 20.30 19.40
C ILE B 44 -13.64 20.87 20.34
N ASP B 45 -13.97 22.15 20.15
N ASP B 45 -13.96 22.17 20.30
CA ASP B 45 -14.78 22.89 21.10
CA ASP B 45 -14.69 22.66 21.48
C ASP B 45 -16.23 22.45 21.20
C ASP B 45 -16.15 23.00 21.21
N ASN B 46 -16.96 22.45 20.08
N ASN B 46 -16.82 22.17 20.42
CA ASN B 46 -18.39 22.17 20.14
CA ASN B 46 -18.24 22.14 20.17
C ASN B 46 -18.69 20.68 20.12
N CYS B 47 -19.52 20.22 21.04
CA CYS B 47 -19.85 18.79 21.05
C CYS B 47 -20.57 18.36 19.76
N GLU B 48 -21.39 19.25 19.24
CA GLU B 48 -22.26 19.01 18.09
C GLU B 48 -21.46 18.82 16.81
N THR B 49 -20.19 19.25 16.86
CA THR B 49 -19.32 19.08 15.71
C THR B 49 -19.30 17.61 15.31
N CYS B 50 -19.18 16.75 16.33
CA CYS B 50 -19.17 15.32 16.12
C CYS B 50 -20.54 14.71 16.31
N HIS B 51 -21.12 14.95 17.49
CA HIS B 51 -22.47 14.47 17.77
C HIS B 51 -23.47 15.37 17.04
N HIS B 52 -23.51 15.16 15.73
CA HIS B 52 -24.17 16.06 14.80
C HIS B 52 -25.68 16.03 14.98
N THR B 53 -26.22 15.08 15.73
CA THR B 53 -27.67 15.18 15.90
C THR B 53 -28.02 15.72 17.28
N GLY B 54 -27.05 16.37 17.92
CA GLY B 54 -27.28 16.95 19.23
C GLY B 54 -26.94 15.98 20.35
N ASP B 55 -27.89 15.15 20.76
CA ASP B 55 -27.69 14.23 21.87
C ASP B 55 -26.43 13.39 21.69
N PRO B 56 -25.55 13.37 22.67
CA PRO B 56 -24.31 12.59 22.56
C PRO B 56 -24.60 11.13 22.82
N VAL B 57 -24.66 10.36 21.75
CA VAL B 57 -24.96 8.92 21.83
C VAL B 57 -24.02 8.17 20.91
N SER B 58 -23.80 6.88 21.14
CA SER B 58 -22.90 6.15 20.25
C SER B 58 -23.44 6.20 18.82
N CYS B 59 -22.54 6.55 17.91
CA CYS B 59 -22.81 6.62 16.49
C CYS B 59 -23.48 5.35 16.00
N SER B 60 -23.08 4.17 16.47
CA SER B 60 -23.66 2.94 15.92
C SER B 60 -25.08 2.72 16.41
N THR B 61 -25.62 3.64 17.20
CA THR B 61 -27.04 3.55 17.55
C THR B 61 -27.85 3.83 16.28
N CYS B 62 -27.32 4.70 15.41
CA CYS B 62 -27.95 4.95 14.12
C CYS B 62 -27.13 4.40 12.96
N HIS B 63 -25.80 4.42 13.07
CA HIS B 63 -24.97 3.96 11.95
C HIS B 63 -24.51 2.55 12.21
N THR B 64 -25.33 1.57 11.87
CA THR B 64 -24.95 0.17 12.00
C THR B 64 -24.11 -0.29 10.82
N VAL B 65 -23.48 -1.47 10.91
CA VAL B 65 -22.67 -1.98 9.80
C VAL B 65 -23.46 -2.07 8.51
N GLU B 66 -24.69 -2.56 8.61
CA GLU B 66 -25.60 -2.70 7.49
C GLU B 66 -26.33 -1.42 7.16
N GLY B 67 -26.52 -0.54 8.16
CA GLY B 67 -27.24 0.70 7.88
C GLY B 67 -28.74 0.54 8.13
N LYS B 68 -29.40 1.60 8.59
CA LYS B 68 -30.83 1.52 8.85
C LYS B 68 -31.47 2.89 8.76
N ALA B 69 -32.79 2.91 8.84
CA ALA B 69 -33.53 4.15 8.61
C ALA B 69 -33.10 5.26 9.57
N GLU B 70 -32.80 4.94 10.81
CA GLU B 70 -32.38 5.96 11.76
C GLU B 70 -31.16 6.74 11.33
N GLY B 71 -30.24 6.15 10.55
CA GLY B 71 -29.08 6.90 10.11
C GLY B 71 -29.18 7.25 8.64
N ASN B 72 -30.41 7.31 8.12
CA ASN B 72 -30.61 7.49 6.68
C ASN B 72 -29.85 6.41 5.93
N TYR B 73 -29.72 5.22 6.49
CA TYR B 73 -29.00 4.14 5.80
C TYR B 73 -27.52 4.41 5.61
N ILE B 74 -26.98 5.47 6.20
CA ILE B 74 -25.53 5.64 6.21
C ILE B 74 -24.92 4.63 7.17
N THR B 75 -24.06 3.76 6.65
CA THR B 75 -23.49 2.69 7.45
C THR B 75 -22.37 3.17 8.37
N LEU B 76 -22.00 2.32 9.30
CA LEU B 76 -20.89 2.53 10.21
C LEU B 76 -19.62 2.86 9.43
N ASP B 77 -19.37 2.08 8.37
CA ASP B 77 -18.23 2.28 7.47
C ASP B 77 -18.20 3.69 6.91
N ARG B 78 -19.31 4.15 6.34
CA ARG B 78 -19.41 5.49 5.79
C ARG B 78 -19.27 6.57 6.86
N ALA B 79 -19.92 6.31 7.99
CA ALA B 79 -19.94 7.25 9.10
C ALA B 79 -18.54 7.53 9.63
N MET B 80 -17.72 6.48 9.71
CA MET B 80 -16.40 6.62 10.32
C MET B 80 -15.34 7.06 9.32
N HIS B 81 -15.53 6.72 8.04
CA HIS B 81 -14.45 6.92 7.08
C HIS B 81 -14.82 7.89 5.96
N ALA B 82 -16.05 8.38 5.89
CA ALA B 82 -16.47 9.21 4.77
C ALA B 82 -15.51 10.37 4.51
N THR B 83 -15.25 10.61 3.23
CA THR B 83 -14.47 11.78 2.84
C THR B 83 -15.29 12.67 1.92
N ASN B 84 -16.36 12.12 1.33
CA ASN B 84 -17.07 13.00 0.39
C ASN B 84 -18.33 13.56 1.03
N ILE B 85 -18.19 14.47 2.01
CA ILE B 85 -19.37 14.87 2.78
C ILE B 85 -19.92 16.23 2.36
N ALA B 86 -21.18 16.20 1.95
CA ALA B 86 -21.86 17.39 1.45
C ALA B 86 -22.16 18.40 2.54
N LYS B 87 -21.85 19.67 2.25
CA LYS B 87 -22.26 20.75 3.13
C LYS B 87 -23.75 20.63 3.43
N ARG B 88 -24.14 20.51 4.70
CA ARG B 88 -25.57 20.38 5.00
C ARG B 88 -26.23 21.76 5.01
N ALA B 89 -27.22 21.96 4.16
CA ALA B 89 -27.96 23.22 4.14
C ALA B 89 -28.49 23.58 5.52
N LYS B 90 -29.40 22.73 5.98
CA LYS B 90 -30.03 22.89 7.28
C LYS B 90 -29.27 22.13 8.36
N GLY B 91 -28.90 22.86 9.41
CA GLY B 91 -28.24 22.31 10.57
C GLY B 91 -26.80 21.93 10.40
N ASN B 92 -26.46 20.78 10.98
CA ASN B 92 -25.10 20.31 11.12
C ASN B 92 -24.59 19.47 9.97
N THR B 93 -23.50 19.91 9.32
CA THR B 93 -22.79 19.08 8.38
C THR B 93 -21.97 18.04 9.16
N PRO B 94 -22.40 16.79 9.17
CA PRO B 94 -21.67 15.75 9.90
C PRO B 94 -20.19 15.68 9.53
N VAL B 95 -19.39 15.16 10.45
CA VAL B 95 -17.99 14.85 10.16
C VAL B 95 -17.70 13.36 10.43
N SER B 96 -16.64 12.87 9.80
CA SER B 96 -16.16 11.51 10.03
C SER B 96 -14.78 11.55 10.66
N CYS B 97 -14.33 10.44 11.24
CA CYS B 97 -12.97 10.37 11.76
C CYS B 97 -11.97 10.79 10.67
N VAL B 98 -12.10 10.16 9.50
CA VAL B 98 -11.15 10.46 8.42
C VAL B 98 -11.33 11.88 7.92
N SER B 99 -12.56 12.34 7.72
CA SER B 99 -12.72 13.65 7.09
C SER B 99 -12.15 14.75 7.98
N CYS B 100 -12.37 14.67 9.30
CA CYS B 100 -11.83 15.75 10.13
C CYS B 100 -10.31 15.75 10.11
N HIS B 101 -9.72 14.56 10.27
CA HIS B 101 -8.26 14.46 10.20
C HIS B 101 -7.76 15.03 8.89
N GLU B 102 -8.43 14.71 7.77
CA GLU B 102 -7.98 15.29 6.50
C GLU B 102 -8.07 16.82 6.51
N GLN B 103 -9.15 17.35 7.07
CA GLN B 103 -9.31 18.80 7.13
C GLN B 103 -8.13 19.43 7.86
N GLN B 104 -7.74 18.82 8.97
CA GLN B 104 -6.62 19.35 9.75
C GLN B 104 -5.38 19.54 8.88
N THR B 105 -4.98 18.49 8.15
CA THR B 105 -3.79 18.58 7.31
C THR B 105 -3.97 19.66 6.24
N LYS B 106 -5.20 20.06 5.94
CA LYS B 106 -5.39 21.03 4.88
C LYS B 106 -5.53 22.45 5.42
N GLU B 107 -5.97 22.58 6.66
CA GLU B 107 -6.29 23.91 7.17
C GLU B 107 -5.23 24.47 8.11
N ARG B 108 -4.31 23.64 8.57
CA ARG B 108 -3.22 24.13 9.42
C ARG B 108 -1.96 24.32 8.61
N ARG B 109 -1.49 25.56 8.56
CA ARG B 109 -0.28 25.95 7.84
C ARG B 109 0.87 25.00 8.10
N GLU B 110 1.07 24.59 9.36
CA GLU B 110 2.21 23.74 9.68
C GLU B 110 2.04 22.34 9.05
N CYS B 111 0.83 22.01 8.61
CA CYS B 111 0.57 20.70 8.03
C CYS B 111 0.44 20.76 6.50
N ALA B 112 -0.14 21.84 6.00
CA ALA B 112 -0.60 21.94 4.62
C ALA B 112 0.52 22.07 3.61
N GLY B 113 1.76 22.20 4.04
CA GLY B 113 2.87 22.28 3.09
C GLY B 113 3.20 20.86 2.60
N CYS B 114 3.61 20.02 3.54
CA CYS B 114 3.83 18.60 3.30
C CYS B 114 2.58 17.97 2.70
N HIS B 115 1.43 18.23 3.34
CA HIS B 115 0.24 17.55 2.83
C HIS B 115 -0.24 18.14 1.53
N ALA B 116 0.35 19.24 1.04
CA ALA B 116 -0.03 19.64 -0.31
C ALA B 116 0.62 18.70 -1.33
N ILE B 117 1.67 17.96 -0.97
CA ILE B 117 2.36 17.19 -1.99
C ILE B 117 2.45 15.71 -1.64
N VAL B 118 1.98 15.30 -0.45
CA VAL B 118 2.09 13.86 -0.19
C VAL B 118 0.84 13.20 -0.78
N THR B 119 0.97 11.97 -1.28
CA THR B 119 -0.27 11.22 -1.52
C THR B 119 -0.30 10.08 -0.50
N PRO B 120 -1.29 10.07 0.39
CA PRO B 120 -1.33 9.07 1.46
C PRO B 120 -1.49 7.67 0.88
N LYS B 121 -0.81 6.69 1.47
CA LYS B 121 -0.87 5.32 1.01
C LYS B 121 -2.12 4.58 1.50
N ARG B 122 -2.66 4.91 2.66
CA ARG B 122 -3.87 4.26 3.18
C ARG B 122 -3.74 2.74 3.17
N ASP B 123 -2.61 2.29 3.66
CA ASP B 123 -2.23 0.92 3.85
C ASP B 123 -2.56 0.44 5.26
N GLU B 124 -2.11 -0.74 5.59
CA GLU B 124 -2.34 -1.44 6.84
C GLU B 124 -1.94 -0.59 8.05
N ALA B 125 -0.83 0.12 7.94
CA ALA B 125 -0.28 0.91 9.05
C ALA B 125 -1.19 2.11 9.33
N TRP B 126 -1.79 2.60 8.27
CA TRP B 126 -2.79 3.66 8.33
C TRP B 126 -4.03 3.10 9.05
N CYS B 127 -4.55 1.97 8.57
CA CYS B 127 -5.73 1.39 9.20
C CYS B 127 -5.49 1.16 10.69
N ALA B 128 -4.33 0.58 11.01
CA ALA B 128 -4.01 0.16 12.36
C ALA B 128 -3.86 1.32 13.33
N THR B 129 -3.63 2.53 12.82
CA THR B 129 -3.57 3.68 13.70
C THR B 129 -4.89 3.83 14.47
N CYS B 130 -6.04 3.50 13.89
CA CYS B 130 -7.30 3.54 14.63
C CYS B 130 -7.74 2.13 15.07
N HIS B 131 -7.60 1.17 14.17
CA HIS B 131 -7.97 -0.23 14.46
C HIS B 131 -6.84 -0.83 15.28
N ASN B 132 -6.89 -0.60 16.60
CA ASN B 132 -5.75 -0.62 17.47
C ASN B 132 -5.89 -1.31 18.81
N ILE B 133 -6.85 -2.18 19.04
CA ILE B 133 -7.14 -2.81 20.32
C ILE B 133 -5.98 -3.58 20.96
N THR B 134 -5.95 -3.62 22.29
CA THR B 134 -5.00 -4.44 23.03
C THR B 134 -5.25 -5.92 22.77
N PRO B 135 -4.21 -6.70 22.53
CA PRO B 135 -4.38 -8.13 22.30
C PRO B 135 -5.03 -8.82 23.50
N SER B 136 -5.05 -8.21 24.67
CA SER B 136 -5.70 -8.84 25.82
C SER B 136 -7.19 -9.00 25.61
N MET B 137 -7.76 -8.31 24.62
CA MET B 137 -9.19 -8.51 24.44
C MET B 137 -9.47 -9.96 24.07
N THR B 138 -10.56 -10.51 24.58
CA THR B 138 -10.92 -11.89 24.26
C THR B 138 -12.03 -11.92 23.21
N PRO B 139 -12.09 -13.03 22.49
CA PRO B 139 -13.17 -13.28 21.53
C PRO B 139 -14.51 -12.96 22.18
N GLU B 140 -14.65 -13.49 23.38
CA GLU B 140 -15.84 -13.32 24.21
C GLU B 140 -16.11 -11.85 24.42
N GLN B 141 -15.04 -11.12 24.79
CA GLN B 141 -15.27 -9.68 24.93
C GLN B 141 -15.66 -9.10 23.58
N MET B 142 -15.03 -9.62 22.51
CA MET B 142 -15.38 -9.11 21.18
C MET B 142 -16.87 -9.31 20.93
N GLN B 143 -17.35 -10.50 21.27
CA GLN B 143 -18.77 -10.79 21.07
C GLN B 143 -19.65 -9.82 21.83
N LYS B 144 -19.30 -9.54 23.09
CA LYS B 144 -20.14 -8.64 23.88
C LYS B 144 -20.12 -7.22 23.36
N GLY B 145 -18.96 -6.75 22.89
CA GLY B 145 -18.97 -5.39 22.34
C GLY B 145 -19.87 -5.35 21.10
N ILE B 146 -19.77 -6.41 20.31
CA ILE B 146 -20.59 -6.46 19.09
C ILE B 146 -22.06 -6.58 19.41
N ASN B 147 -22.42 -7.42 20.37
CA ASN B 147 -23.82 -7.54 20.74
C ASN B 147 -24.27 -6.41 21.65
N GLY B 148 -23.34 -5.69 22.25
CA GLY B 148 -23.75 -4.57 23.10
C GLY B 148 -24.11 -5.02 24.50
N THR B 149 -23.47 -6.10 24.95
CA THR B 149 -23.66 -6.57 26.31
C THR B 149 -22.37 -6.46 27.11
N LEU B 150 -21.35 -5.84 26.53
CA LEU B 150 -20.12 -5.68 27.31
C LEU B 150 -20.33 -4.64 28.40
N LEU B 151 -19.85 -4.90 29.61
CA LEU B 151 -20.02 -3.92 30.69
C LEU B 151 -19.19 -2.66 30.43
N PRO B 152 -19.77 -1.49 30.65
CA PRO B 152 -19.05 -0.23 30.46
C PRO B 152 -17.71 -0.22 31.19
N GLY B 153 -17.72 -0.72 32.42
CA GLY B 153 -16.46 -0.79 33.17
C GLY B 153 -15.51 -1.71 32.44
N ASP B 154 -16.07 -2.69 31.72
CA ASP B 154 -15.21 -3.62 30.98
C ASP B 154 -14.74 -2.98 29.68
N ASN B 155 -15.62 -2.21 29.05
CA ASN B 155 -15.21 -1.38 27.93
C ASN B 155 -14.10 -0.44 28.36
N GLU B 156 -14.36 0.30 29.44
CA GLU B 156 -13.38 1.29 29.90
C GLU B 156 -12.04 0.66 30.19
N ALA B 157 -12.07 -0.53 30.77
CA ALA B 157 -10.82 -1.24 31.07
C ALA B 157 -10.04 -1.53 29.80
N LEU B 158 -10.77 -2.03 28.80
CA LEU B 158 -10.13 -2.41 27.55
C LEU B 158 -9.43 -1.18 26.96
N ALA B 159 -10.19 -0.10 26.88
CA ALA B 159 -9.64 1.12 26.28
C ALA B 159 -8.42 1.59 27.06
N ALA B 160 -8.44 1.43 28.39
CA ALA B 160 -7.35 2.04 29.17
C ALA B 160 -6.09 1.22 29.00
N GLU B 161 -6.24 -0.10 28.95
CA GLU B 161 -5.08 -0.94 28.68
C GLU B 161 -4.48 -0.62 27.32
N THR B 162 -5.34 -0.39 26.33
CA THR B 162 -4.88 -0.03 24.99
C THR B 162 -4.13 1.30 25.00
N VAL B 163 -4.77 2.31 25.57
CA VAL B 163 -4.18 3.64 25.58
C VAL B 163 -2.84 3.62 26.31
N LEU B 164 -2.81 2.94 27.45
CA LEU B 164 -1.59 2.87 28.24
C LEU B 164 -0.54 1.98 27.58
N ALA B 165 -0.89 1.08 26.66
CA ALA B 165 0.18 0.35 25.99
C ALA B 165 0.65 1.09 24.75
N GLN B 166 -0.06 2.12 24.29
CA GLN B 166 0.33 2.79 23.05
C GLN B 166 1.71 3.43 23.13
N LYS B 167 2.40 3.49 21.99
CA LYS B 167 3.73 4.10 21.92
C LYS B 167 3.81 4.95 20.65
N THR B 168 4.60 6.01 20.69
CA THR B 168 4.77 6.90 19.55
C THR B 168 6.03 6.53 18.77
N VAL B 169 5.96 6.56 17.44
CA VAL B 169 7.19 6.34 16.68
C VAL B 169 7.98 7.63 16.69
N GLU B 170 9.29 7.54 16.91
CA GLU B 170 10.08 8.78 16.82
C GLU B 170 10.71 8.86 15.43
N PRO B 171 10.50 9.95 14.72
CA PRO B 171 11.06 10.05 13.37
C PRO B 171 12.58 10.09 13.44
N VAL B 172 13.24 9.53 12.43
CA VAL B 172 14.69 9.63 12.36
C VAL B 172 15.10 11.10 12.39
N SER B 173 16.24 11.32 13.05
CA SER B 173 16.83 12.65 13.14
C SER B 173 17.25 13.14 11.77
N PRO B 174 17.09 14.42 11.46
CA PRO B 174 17.62 14.92 10.19
C PRO B 174 19.15 14.80 10.12
N MET B 175 19.83 14.56 11.24
CA MET B 175 21.27 14.33 11.16
C MET B 175 21.60 13.09 10.35
N LEU B 176 20.63 12.20 10.10
CA LEU B 176 20.93 10.98 9.35
C LEU B 176 20.69 11.15 7.86
N ALA B 177 20.35 12.36 7.43
CA ALA B 177 20.09 12.67 6.03
C ALA B 177 21.04 13.77 5.58
N PRO B 178 21.23 13.96 4.28
CA PRO B 178 22.17 14.99 3.80
C PRO B 178 21.97 16.35 4.42
N TYR B 179 23.06 17.06 4.72
CA TYR B 179 22.98 18.42 5.24
C TYR B 179 22.45 19.35 4.15
N LYS B 180 23.10 19.24 2.99
CA LYS B 180 22.72 19.95 1.79
C LYS B 180 22.80 19.06 0.57
N VAL B 181 22.02 19.34 -0.48
CA VAL B 181 22.07 18.58 -1.72
C VAL B 181 22.20 19.51 -2.92
N VAL B 182 23.23 19.27 -3.72
CA VAL B 182 23.43 20.04 -4.94
C VAL B 182 22.57 19.43 -6.04
N ILE B 183 21.42 20.02 -6.32
CA ILE B 183 20.57 19.44 -7.35
C ILE B 183 20.99 19.89 -8.74
N ASP B 184 21.74 19.02 -9.41
CA ASP B 184 22.35 19.39 -10.68
C ASP B 184 21.98 18.47 -11.85
N ALA B 185 21.03 17.55 -11.67
CA ALA B 185 20.69 16.60 -12.71
C ALA B 185 20.40 17.26 -14.06
N LEU B 186 19.78 18.43 -14.04
CA LEU B 186 19.40 19.10 -15.28
C LEU B 186 20.18 20.37 -15.59
N ALA B 187 21.26 20.62 -14.87
CA ALA B 187 21.87 21.95 -14.85
C ALA B 187 22.21 22.41 -16.26
N ASP B 188 21.71 23.60 -16.62
CA ASP B 188 21.89 24.05 -18.01
C ASP B 188 21.64 25.53 -18.16
N LYS B 189 20.36 25.94 -18.16
CA LYS B 189 20.08 27.38 -18.15
C LYS B 189 20.53 27.98 -16.82
N TYR B 190 20.56 27.16 -15.78
CA TYR B 190 20.91 27.67 -14.47
C TYR B 190 21.98 26.83 -13.79
N GLU B 191 22.58 27.42 -12.77
CA GLU B 191 23.41 26.68 -11.82
C GLU B 191 22.53 25.69 -11.08
N PRO B 192 23.15 24.65 -10.52
CA PRO B 192 22.43 23.67 -9.72
C PRO B 192 21.68 24.39 -8.59
N SER B 193 20.74 23.70 -7.96
CA SER B 193 20.06 24.22 -6.78
C SER B 193 20.71 23.60 -5.55
N ASN B 194 21.28 24.47 -4.72
CA ASN B 194 21.98 24.11 -3.49
C ASN B 194 20.92 24.00 -2.40
N PHE B 195 20.33 22.81 -2.31
CA PHE B 195 19.13 22.65 -1.50
C PHE B 195 19.48 22.47 -0.03
N THR B 196 18.88 23.26 0.84
CA THR B 196 19.13 23.17 2.28
C THR B 196 18.30 22.04 2.90
N HIS B 197 18.72 20.82 2.58
CA HIS B 197 18.02 19.58 2.84
C HIS B 197 17.72 19.42 4.32
N ARG B 198 18.76 19.28 5.15
CA ARG B 198 18.57 19.17 6.59
C ARG B 198 17.82 20.34 7.20
N ARG B 199 18.04 21.55 6.69
CA ARG B 199 17.34 22.69 7.28
C ARG B 199 15.87 22.65 6.96
N HIS B 200 15.53 22.28 5.72
CA HIS B 200 14.10 22.15 5.38
C HIS B 200 13.45 21.10 6.30
N LEU B 201 14.03 19.92 6.39
CA LEU B 201 13.51 18.82 7.19
C LEU B 201 13.37 19.19 8.66
N THR B 202 14.46 19.71 9.22
CA THR B 202 14.45 20.12 10.63
C THR B 202 13.39 21.16 10.90
N SER B 203 13.26 22.10 9.97
CA SER B 203 12.25 23.16 10.14
C SER B 203 10.84 22.59 10.13
N LEU B 204 10.59 21.68 9.19
CA LEU B 204 9.26 21.08 9.07
C LEU B 204 8.92 20.24 10.30
N MET B 205 9.86 19.47 10.82
CA MET B 205 9.58 18.63 11.97
C MET B 205 9.31 19.47 13.22
N GLU B 206 10.06 20.56 13.37
CA GLU B 206 9.93 21.42 14.55
C GLU B 206 8.49 21.83 14.81
N ARG B 207 7.82 22.33 13.79
CA ARG B 207 6.47 22.85 13.93
C ARG B 207 5.46 21.77 14.32
N ILE B 208 5.84 20.51 14.16
CA ILE B 208 4.82 19.49 14.42
C ILE B 208 5.28 18.53 15.51
N LYS B 209 6.38 18.87 16.18
CA LYS B 209 6.84 17.91 17.20
C LYS B 209 5.91 17.61 18.36
C LYS B 209 5.76 17.99 18.27
N ASP B 210 4.87 18.35 18.69
N ASP B 210 5.17 16.90 18.74
CA ASP B 210 4.06 17.90 19.83
CA ASP B 210 4.15 16.89 19.78
C ASP B 210 2.77 17.22 19.36
C ASP B 210 2.77 17.36 19.33
N ASP B 211 2.37 17.56 18.14
N ASP B 211 2.45 17.28 18.04
CA ASP B 211 1.06 17.26 17.60
C ASP B 211 0.67 15.78 17.66
N LYS B 212 -0.38 15.47 18.40
CA LYS B 212 -0.73 14.08 18.68
C LYS B 212 -1.32 13.38 17.45
N LEU B 213 -1.95 14.16 16.59
CA LEU B 213 -2.51 13.56 15.37
C LEU B 213 -1.38 13.17 14.42
N ALA B 214 -0.47 14.09 14.16
CA ALA B 214 0.69 13.79 13.33
C ALA B 214 1.52 12.67 13.93
N GLN B 215 1.73 12.67 15.25
CA GLN B 215 2.52 11.62 15.86
C GLN B 215 1.92 10.23 15.66
N ALA B 216 0.60 10.12 15.69
CA ALA B 216 0.03 8.78 15.56
C ALA B 216 0.16 8.29 14.13
N PHE B 217 -0.09 9.15 13.16
CA PHE B 217 -0.11 8.76 11.75
C PHE B 217 1.25 8.81 11.08
N HIS B 218 2.20 9.56 11.62
CA HIS B 218 3.58 9.48 11.12
C HIS B 218 4.25 8.33 11.85
N ASN B 219 3.89 7.10 11.46
CA ASN B 219 4.14 5.96 12.33
C ASN B 219 5.20 4.97 11.84
N LYS B 220 6.10 5.43 10.98
CA LYS B 220 7.34 4.72 10.69
C LYS B 220 8.50 5.71 10.86
N PRO B 221 9.60 5.26 11.44
CA PRO B 221 10.75 6.15 11.68
C PRO B 221 11.17 6.95 10.45
N GLU B 222 11.21 6.36 9.26
CA GLU B 222 11.63 7.19 8.11
C GLU B 222 10.51 7.63 7.21
N ILE B 223 9.28 7.73 7.71
CA ILE B 223 8.16 8.10 6.85
C ILE B 223 8.19 9.53 6.37
N LEU B 224 8.79 10.49 7.09
CA LEU B 224 8.71 11.89 6.64
C LEU B 224 9.57 12.10 5.40
N CYS B 225 10.61 11.29 5.24
CA CYS B 225 11.37 11.31 3.99
C CYS B 225 10.46 11.10 2.79
N ALA B 226 9.41 10.29 2.97
CA ALA B 226 8.52 9.93 1.85
C ALA B 226 7.71 11.12 1.39
N THR B 227 7.75 12.23 2.15
CA THR B 227 7.07 13.44 1.70
C THR B 227 7.49 13.85 0.28
N CYS B 228 8.79 13.69 0.07
CA CYS B 228 9.41 14.07 -1.20
C CYS B 228 9.87 12.81 -1.93
N HIS B 229 10.56 11.91 -1.23
CA HIS B 229 11.01 10.62 -1.75
C HIS B 229 9.86 9.63 -1.75
N HIS B 230 8.89 9.86 -2.62
CA HIS B 230 7.68 9.04 -2.53
C HIS B 230 7.77 7.75 -3.35
N ARG B 231 6.78 6.89 -3.13
CA ARG B 231 6.53 5.71 -3.95
C ARG B 231 7.71 4.76 -4.04
N SER B 232 8.54 4.68 -3.00
CA SER B 232 9.63 3.70 -2.93
C SER B 232 9.74 3.21 -1.48
N PRO B 233 10.31 2.04 -1.24
CA PRO B 233 10.38 1.49 0.13
C PRO B 233 11.18 2.41 1.06
N LEU B 234 10.70 2.63 2.30
CA LEU B 234 11.35 3.61 3.18
C LEU B 234 12.82 3.24 3.38
N SER B 235 13.68 4.26 3.37
CA SER B 235 15.11 4.00 3.34
C SER B 235 15.90 5.25 3.71
N LEU B 236 17.15 5.11 4.19
CA LEU B 236 17.93 6.34 4.40
C LEU B 236 18.64 6.76 3.12
N THR B 237 18.57 5.94 2.07
CA THR B 237 19.16 6.33 0.80
C THR B 237 18.20 6.03 -0.36
N PRO B 238 17.16 6.84 -0.48
CA PRO B 238 16.18 6.65 -1.53
C PRO B 238 16.72 6.93 -2.92
N PRO B 239 16.12 6.27 -3.92
CA PRO B 239 16.53 6.47 -5.31
C PRO B 239 16.42 7.94 -5.71
N LYS B 240 17.06 8.31 -6.82
CA LYS B 240 16.98 9.69 -7.26
C LYS B 240 15.67 9.96 -7.99
N CYS B 241 15.17 11.18 -7.96
CA CYS B 241 13.96 11.53 -8.68
C CYS B 241 14.10 11.12 -10.15
N GLY B 242 15.32 11.30 -10.65
CA GLY B 242 15.64 11.05 -12.05
C GLY B 242 15.52 9.61 -12.48
N SER B 243 15.70 8.67 -11.56
CA SER B 243 15.52 7.24 -11.80
C SER B 243 14.13 6.95 -12.38
N CYS B 244 13.14 7.71 -11.91
CA CYS B 244 11.75 7.52 -12.27
C CYS B 244 11.23 8.64 -13.15
N HIS B 245 11.79 9.85 -13.02
CA HIS B 245 11.28 10.96 -13.84
C HIS B 245 12.25 11.27 -14.97
N THR B 246 11.77 11.19 -16.20
CA THR B 246 12.67 11.40 -17.34
C THR B 246 12.77 12.88 -17.69
N LYS B 247 13.92 13.29 -18.22
CA LYS B 247 14.11 14.70 -18.59
C LYS B 247 13.02 15.17 -19.54
N GLU B 248 12.71 14.32 -20.51
CA GLU B 248 11.59 14.63 -21.40
C GLU B 248 10.38 13.79 -20.96
N ILE B 249 9.20 14.33 -21.24
CA ILE B 249 7.95 13.64 -21.03
C ILE B 249 8.02 12.17 -21.45
N ASP B 250 7.71 11.27 -20.52
CA ASP B 250 7.61 9.84 -20.83
C ASP B 250 6.28 9.59 -21.54
N LYS B 251 6.32 9.34 -22.85
CA LYS B 251 5.04 9.10 -23.51
C LYS B 251 4.46 7.77 -23.06
N ALA B 252 5.27 6.86 -22.54
CA ALA B 252 4.78 5.62 -21.95
C ALA B 252 4.14 5.89 -20.58
N ASN B 253 4.54 6.98 -19.94
CA ASN B 253 4.04 7.33 -18.61
C ASN B 253 3.54 8.76 -18.62
N PRO B 254 2.43 8.97 -19.31
CA PRO B 254 1.88 10.29 -19.53
C PRO B 254 1.58 11.04 -18.24
N GLY B 255 1.16 10.33 -17.19
CA GLY B 255 0.82 11.01 -15.95
C GLY B 255 2.02 11.52 -15.20
N ARG B 256 3.19 10.96 -15.50
CA ARG B 256 4.41 11.34 -14.81
C ARG B 256 4.95 12.65 -15.30
N PRO B 257 5.19 13.62 -14.42
CA PRO B 257 5.82 14.85 -14.87
C PRO B 257 7.24 14.51 -15.28
N ASN B 258 7.83 15.31 -16.17
CA ASN B 258 9.25 15.05 -16.43
C ASN B 258 10.05 15.67 -15.28
N LEU B 259 11.34 15.42 -15.23
CA LEU B 259 12.14 15.74 -14.04
C LEU B 259 12.05 17.21 -13.66
N MET B 260 12.17 18.14 -14.62
CA MET B 260 12.03 19.54 -14.24
C MET B 260 10.67 19.80 -13.61
N ALA B 261 9.61 19.19 -14.18
CA ALA B 261 8.30 19.46 -13.57
C ALA B 261 8.20 18.79 -12.21
N ALA B 262 8.89 17.66 -12.03
CA ALA B 262 8.83 16.97 -10.74
C ALA B 262 9.35 17.90 -9.64
N TYR B 263 10.57 18.38 -9.84
CA TYR B 263 11.17 19.36 -8.94
C TYR B 263 10.23 20.55 -8.75
N HIS B 264 9.87 21.22 -9.84
CA HIS B 264 9.09 22.44 -9.71
C HIS B 264 7.77 22.20 -8.98
N LEU B 265 7.06 21.15 -9.39
CA LEU B 265 5.78 20.89 -8.72
C LEU B 265 6.00 20.56 -7.25
N GLN B 266 7.02 19.77 -6.94
CA GLN B 266 7.22 19.44 -5.54
C GLN B 266 7.62 20.65 -4.71
N CYS B 267 8.72 21.32 -5.05
CA CYS B 267 9.20 22.46 -4.26
C CYS B 267 8.16 23.57 -4.15
N MET B 268 7.59 23.95 -5.29
CA MET B 268 6.62 25.04 -5.29
C MET B 268 5.31 24.58 -4.66
N GLY B 269 5.00 23.29 -4.74
CA GLY B 269 3.73 22.82 -4.19
C GLY B 269 3.68 23.04 -2.70
N CYS B 270 4.76 22.66 -2.01
CA CYS B 270 4.78 22.86 -0.56
C CYS B 270 4.82 24.34 -0.20
N HIS B 271 5.69 25.08 -0.88
CA HIS B 271 5.84 26.51 -0.64
C HIS B 271 4.49 27.18 -0.68
N LYS B 272 3.71 26.81 -1.69
CA LYS B 272 2.38 27.41 -1.82
C LYS B 272 1.44 26.89 -0.75
N GLY B 273 1.57 25.61 -0.39
CA GLY B 273 0.64 25.03 0.56
C GLY B 273 0.77 25.62 1.95
N MET B 274 1.97 25.98 2.38
CA MET B 274 2.11 26.54 3.72
C MET B 274 2.51 28.01 3.65
N ASP B 275 1.99 28.67 2.62
CA ASP B 275 2.14 30.09 2.32
C ASP B 275 3.58 30.57 2.49
N VAL B 276 4.57 29.92 1.87
CA VAL B 276 5.94 30.41 2.04
C VAL B 276 6.10 31.74 1.31
N ALA B 277 6.66 32.75 1.98
CA ALA B 277 6.64 34.08 1.35
C ALA B 277 7.60 34.16 0.18
N ARG B 278 8.77 33.56 0.35
CA ARG B 278 9.75 33.57 -0.72
C ARG B 278 10.60 32.31 -0.60
N PRO B 279 10.94 31.66 -1.70
CA PRO B 279 10.68 32.15 -3.05
C PRO B 279 9.25 31.93 -3.53
N ARG B 280 8.76 32.93 -4.26
CA ARG B 280 7.53 32.81 -5.03
C ARG B 280 7.78 31.86 -6.20
N ASP B 281 6.73 31.38 -6.84
CA ASP B 281 6.92 30.51 -8.01
C ASP B 281 7.69 31.23 -9.11
N THR B 282 7.62 32.56 -9.10
CA THR B 282 8.30 33.35 -10.12
C THR B 282 9.67 33.81 -9.70
N ASP B 283 10.14 33.45 -8.51
CA ASP B 283 11.49 33.88 -8.10
C ASP B 283 12.52 32.87 -8.56
N CYS B 284 12.63 32.67 -9.88
CA CYS B 284 13.45 31.62 -10.45
C CYS B 284 14.87 31.60 -9.91
N THR B 285 15.56 32.74 -9.86
CA THR B 285 16.97 32.73 -9.49
C THR B 285 17.19 32.49 -7.99
N THR B 286 16.10 32.52 -7.22
CA THR B 286 16.26 32.22 -5.80
C THR B 286 16.50 30.74 -5.54
N CYS B 287 16.03 29.85 -6.42
CA CYS B 287 16.30 28.41 -6.23
C CYS B 287 17.51 27.96 -7.02
N HIS B 288 17.78 28.68 -8.12
CA HIS B 288 18.93 28.34 -8.97
C HIS B 288 19.42 29.62 -9.66
N LYS B 289 20.63 30.05 -9.30
CA LYS B 289 21.13 31.30 -9.86
C LYS B 289 21.30 31.17 -11.37
N ALA B 290 21.19 32.26 -12.12
CA ALA B 290 21.43 32.24 -13.56
C ALA B 290 22.83 31.75 -13.89
N ALA B 291 22.98 30.94 -14.92
CA ALA B 291 24.33 30.42 -15.19
C ALA B 291 25.19 31.47 -15.88
N PRO B 292 26.50 31.39 -15.63
CA PRO B 292 27.45 32.27 -16.32
C PRO B 292 27.37 32.03 -17.82
N LYS B 293 26.50 32.67 -18.46
#